data_6H5C
#
_entry.id   6H5C
#
_cell.length_a   42.878
_cell.length_b   43.844
_cell.length_c   73.261
_cell.angle_alpha   92.26
_cell.angle_beta   93.05
_cell.angle_gamma   119.25
#
_symmetry.space_group_name_H-M   'P 1'
#
loop_
_entity.id
_entity.type
_entity.pdbx_description
1 polymer '3-dehydroquinate dehydratase'
2 non-polymer '(1~{S},3~{R},4~{S},5~{R})-3-methyl-3,4,5-tris(hydroxyl)cyclohexane-1-carboxylic Acid'
3 water water
#
_entity_poly.entity_id   1
_entity_poly.type   'polypeptide(L)'
_entity_poly.pdbx_seq_one_letter_code
;MKTVTVKNLIIGEGMPKIIVSLMGRDINSVKAEALAYREATFDILEWRVDHFMDIASTQSVLTAARVIRDAMPDIPLLFT
FRSAKEGGEQTITTQHYLTLNRAAIDSGLVDMIDLELFTGDADVKATVDYAHAHNVYVVMSNHDFHQTPSAEEMVLRLRK
MQALGADIPKIAVMPQSKHDVLTLLTATLEMQQHYADRPVITMSMAKEGVISRLAGEVFGSAATFGAVKQASAPGQIAVN
DLRSVLMILHNA
;
_entity_poly.pdbx_strand_id   A,B
#
# COMPACT_ATOMS: atom_id res chain seq x y z
N MET A 1 15.20 -14.18 -12.85
CA MET A 1 15.25 -14.02 -11.36
C MET A 1 15.88 -15.26 -10.74
N LYS A 2 16.98 -15.04 -10.03
CA LYS A 2 17.62 -16.07 -9.24
C LYS A 2 17.09 -15.97 -7.82
N THR A 3 16.08 -16.77 -7.52
CA THR A 3 15.52 -16.77 -6.17
C THR A 3 16.53 -17.37 -5.18
N VAL A 4 16.32 -17.08 -3.91
CA VAL A 4 17.17 -17.56 -2.83
C VAL A 4 16.33 -18.44 -1.95
N THR A 5 16.69 -19.73 -1.87
CA THR A 5 15.97 -20.66 -1.04
C THR A 5 16.79 -21.00 0.21
N VAL A 6 16.18 -20.84 1.37
CA VAL A 6 16.77 -21.30 2.64
C VAL A 6 15.75 -22.24 3.25
N LYS A 7 16.18 -23.51 3.43
CA LYS A 7 15.30 -24.67 3.69
C LYS A 7 14.20 -24.75 2.61
N ASN A 8 12.94 -24.50 2.99
CA ASN A 8 11.81 -24.53 2.07
C ASN A 8 11.26 -23.10 1.87
N LEU A 9 11.98 -22.07 2.36
CA LEU A 9 11.56 -20.67 2.16
C LEU A 9 12.17 -20.13 0.85
N ILE A 10 11.33 -19.61 -0.05
CA ILE A 10 11.82 -19.02 -1.31
C ILE A 10 11.68 -17.51 -1.29
N ILE A 11 12.82 -16.83 -1.30
CA ILE A 11 12.86 -15.37 -1.32
C ILE A 11 12.99 -14.91 -2.77
N GLY A 12 12.07 -14.04 -3.19
CA GLY A 12 12.02 -13.53 -4.57
C GLY A 12 10.85 -14.02 -5.39
N GLU A 13 9.84 -14.63 -4.76
CA GLU A 13 8.60 -14.96 -5.42
C GLU A 13 7.49 -14.90 -4.38
N GLY A 14 6.26 -14.81 -4.86
CA GLY A 14 5.11 -14.84 -3.98
C GLY A 14 5.03 -13.65 -3.05
N MET A 15 4.48 -13.90 -1.89
CA MET A 15 4.28 -12.86 -0.90
C MET A 15 5.66 -12.45 -0.32
N PRO A 16 5.89 -11.14 -0.08
CA PRO A 16 7.15 -10.74 0.55
C PRO A 16 7.37 -11.47 1.87
N LYS A 17 8.61 -11.83 2.14
CA LYS A 17 8.93 -12.55 3.35
C LYS A 17 9.13 -11.61 4.52
N ILE A 18 8.63 -12.02 5.69
CA ILE A 18 8.63 -11.20 6.91
C ILE A 18 9.89 -11.49 7.71
N ILE A 19 10.65 -10.44 7.99
CA ILE A 19 11.85 -10.52 8.82
C ILE A 19 11.62 -9.76 10.12
N VAL A 20 12.09 -10.32 11.23
CA VAL A 20 12.06 -9.62 12.53
C VAL A 20 13.47 -9.66 13.09
N SER A 21 13.79 -8.73 14.01
CA SER A 21 15.15 -8.53 14.45
C SER A 21 15.30 -8.72 15.95
N LEU A 22 16.29 -9.55 16.33
CA LEU A 22 16.77 -9.65 17.72
C LEU A 22 17.71 -8.55 18.03
N MET A 23 17.50 -7.88 19.16
CA MET A 23 18.30 -6.71 19.53
C MET A 23 18.97 -6.72 20.92
N GLY A 24 19.14 -7.91 21.48
CA GLY A 24 19.64 -8.03 22.82
C GLY A 24 21.09 -7.59 22.97
N ARG A 25 21.42 -7.10 24.17
CA ARG A 25 22.74 -6.54 24.41
C ARG A 25 23.73 -7.55 24.96
N ASP A 26 23.24 -8.72 25.36
CA ASP A 26 24.11 -9.76 25.91
C ASP A 26 23.49 -11.14 25.66
N ILE A 27 24.25 -12.19 26.03
CA ILE A 27 23.83 -13.57 25.78
C ILE A 27 22.44 -13.85 26.39
N ASN A 28 22.24 -13.48 27.65
CA ASN A 28 20.97 -13.77 28.33
C ASN A 28 19.78 -13.05 27.68
N SER A 29 19.95 -11.79 27.25
CA SER A 29 18.86 -11.04 26.61
CA SER A 29 18.86 -11.05 26.61
C SER A 29 18.56 -11.62 25.23
N VAL A 30 19.60 -12.01 24.50
CA VAL A 30 19.43 -12.65 23.20
C VAL A 30 18.65 -13.96 23.35
N LYS A 31 18.99 -14.74 24.38
CA LYS A 31 18.30 -16.00 24.64
CA LYS A 31 18.30 -16.00 24.64
C LYS A 31 16.83 -15.75 24.92
N ALA A 32 16.55 -14.79 25.80
CA ALA A 32 15.16 -14.51 26.16
C ALA A 32 14.37 -14.02 24.97
N GLU A 33 14.95 -13.13 24.17
CA GLU A 33 14.31 -12.70 22.92
C GLU A 33 14.01 -13.85 21.97
N ALA A 34 14.98 -14.74 21.77
CA ALA A 34 14.77 -15.86 20.86
C ALA A 34 13.62 -16.74 21.34
N LEU A 35 13.58 -17.00 22.64
CA LEU A 35 12.49 -17.79 23.19
C LEU A 35 11.12 -17.11 23.09
N ALA A 36 11.06 -15.79 23.17
CA ALA A 36 9.81 -15.05 22.96
C ALA A 36 9.43 -15.01 21.48
N TYR A 37 10.43 -14.80 20.62
CA TYR A 37 10.18 -14.62 19.19
C TYR A 37 9.65 -15.89 18.55
N ARG A 38 10.03 -17.06 19.06
CA ARG A 38 9.53 -18.29 18.47
C ARG A 38 8.01 -18.52 18.66
N GLU A 39 7.36 -17.65 19.44
CA GLU A 39 5.91 -17.65 19.57
C GLU A 39 5.26 -16.57 18.71
N ALA A 40 6.03 -15.98 17.78
CA ALA A 40 5.50 -15.10 16.76
C ALA A 40 5.66 -15.76 15.38
N THR A 41 4.91 -15.26 14.41
CA THR A 41 4.89 -15.84 13.07
C THR A 41 5.62 -14.90 12.11
N PHE A 42 6.68 -15.42 11.51
CA PHE A 42 7.50 -14.67 10.56
C PHE A 42 8.34 -15.67 9.79
N ASP A 43 9.01 -15.18 8.76
CA ASP A 43 9.75 -16.05 7.85
C ASP A 43 11.25 -16.15 8.13
N ILE A 44 11.88 -15.03 8.49
CA ILE A 44 13.33 -14.94 8.66
C ILE A 44 13.63 -14.21 9.96
N LEU A 45 14.59 -14.75 10.71
CA LEU A 45 15.08 -14.12 11.92
C LEU A 45 16.36 -13.38 11.60
N GLU A 46 16.41 -12.09 11.91
CA GLU A 46 17.65 -11.30 11.84
C GLU A 46 18.19 -11.11 13.25
N TRP A 47 19.49 -11.34 13.42
CA TRP A 47 20.18 -10.98 14.67
C TRP A 47 20.92 -9.68 14.39
N ARG A 48 20.50 -8.61 15.05
CA ARG A 48 21.16 -7.30 14.96
C ARG A 48 22.28 -7.24 16.00
N VAL A 49 23.40 -7.74 15.57
CA VAL A 49 24.54 -7.93 16.46
CA VAL A 49 24.61 -7.91 16.36
C VAL A 49 25.21 -6.60 16.84
N ASP A 50 24.93 -5.50 16.16
CA ASP A 50 25.45 -4.22 16.60
C ASP A 50 24.85 -3.78 17.94
N HIS A 51 23.72 -4.34 18.36
CA HIS A 51 23.20 -4.09 19.74
C HIS A 51 24.02 -4.81 20.82
N PHE A 52 24.83 -5.77 20.45
CA PHE A 52 25.53 -6.64 21.40
C PHE A 52 26.73 -5.91 21.97
N MET A 53 26.78 -5.81 23.32
CA MET A 53 27.76 -4.97 23.97
C MET A 53 29.16 -5.56 23.86
N ASP A 54 29.31 -6.87 24.09
CA ASP A 54 30.63 -7.54 24.09
C ASP A 54 31.05 -7.99 22.68
N ILE A 55 31.02 -7.03 21.75
CA ILE A 55 31.26 -7.28 20.33
C ILE A 55 32.68 -7.76 20.02
N ALA A 56 33.63 -7.35 20.86
CA ALA A 56 35.03 -7.72 20.67
C ALA A 56 35.31 -9.19 20.97
N SER A 57 34.46 -9.84 21.75
CA SER A 57 34.73 -11.19 22.28
C SER A 57 34.20 -12.31 21.38
N THR A 58 35.13 -13.03 20.76
CA THR A 58 34.81 -14.16 19.93
C THR A 58 33.99 -15.20 20.66
N GLN A 59 34.36 -15.49 21.92
CA GLN A 59 33.58 -16.46 22.73
C GLN A 59 32.15 -16.00 22.99
N SER A 60 31.99 -14.71 23.30
CA SER A 60 30.68 -14.17 23.62
C SER A 60 29.73 -14.23 22.42
N VAL A 61 30.22 -13.78 21.28
CA VAL A 61 29.37 -13.71 20.09
C VAL A 61 28.98 -15.14 19.67
N LEU A 62 29.92 -16.08 19.71
CA LEU A 62 29.57 -17.45 19.34
CA LEU A 62 29.61 -17.47 19.37
C LEU A 62 28.64 -18.11 20.35
N THR A 63 28.79 -17.81 21.63
CA THR A 63 27.87 -18.33 22.65
C THR A 63 26.46 -17.83 22.37
N ALA A 64 26.35 -16.55 22.00
CA ALA A 64 25.05 -15.96 21.70
C ALA A 64 24.44 -16.60 20.44
N ALA A 65 25.26 -16.84 19.42
CA ALA A 65 24.75 -17.54 18.24
C ALA A 65 24.18 -18.90 18.60
N ARG A 66 24.90 -19.64 19.44
CA ARG A 66 24.45 -20.95 19.89
C ARG A 66 23.12 -20.89 20.66
N VAL A 67 22.91 -19.86 21.50
CA VAL A 67 21.65 -19.78 22.24
C VAL A 67 20.49 -19.47 21.29
N ILE A 68 20.76 -18.68 20.25
CA ILE A 68 19.73 -18.42 19.23
C ILE A 68 19.33 -19.73 18.55
N ARG A 69 20.32 -20.52 18.16
CA ARG A 69 20.06 -21.80 17.51
C ARG A 69 19.47 -22.84 18.45
N ASP A 70 19.82 -22.82 19.73
CA ASP A 70 19.13 -23.69 20.70
C ASP A 70 17.63 -23.38 20.67
N ALA A 71 17.26 -22.10 20.59
CA ALA A 71 15.86 -21.68 20.65
C ALA A 71 15.10 -21.96 19.35
N MET A 72 15.77 -21.72 18.22
CA MET A 72 15.13 -21.78 16.90
C MET A 72 16.10 -22.47 15.93
N PRO A 73 16.15 -23.80 15.98
CA PRO A 73 17.20 -24.54 15.25
C PRO A 73 17.10 -24.48 13.75
N ASP A 74 15.87 -24.29 13.25
CA ASP A 74 15.56 -24.43 11.85
C ASP A 74 15.36 -23.10 11.10
N ILE A 75 14.96 -22.03 11.81
CA ILE A 75 14.52 -20.77 11.17
C ILE A 75 15.65 -20.23 10.29
N PRO A 76 15.32 -19.65 9.13
CA PRO A 76 16.33 -18.91 8.38
C PRO A 76 16.90 -17.78 9.23
N LEU A 77 18.23 -17.75 9.40
CA LEU A 77 18.88 -16.81 10.29
C LEU A 77 19.89 -15.93 9.54
N LEU A 78 19.65 -14.65 9.63
CA LEU A 78 20.42 -13.58 9.01
C LEU A 78 21.23 -12.85 10.08
N PHE A 79 22.55 -12.83 9.93
CA PHE A 79 23.48 -12.19 10.85
C PHE A 79 23.79 -10.80 10.33
N THR A 80 23.44 -9.77 11.11
CA THR A 80 23.61 -8.38 10.67
C THR A 80 24.30 -7.52 11.72
N PHE A 81 25.50 -7.05 11.40
CA PHE A 81 26.10 -5.93 12.13
C PHE A 81 25.79 -4.66 11.34
N ARG A 82 24.89 -3.82 11.86
CA ARG A 82 24.54 -2.55 11.21
C ARG A 82 25.46 -1.49 11.82
N SER A 83 26.31 -0.87 11.01
CA SER A 83 27.17 0.18 11.50
C SER A 83 26.41 1.42 11.89
N ALA A 84 26.98 2.18 12.85
CA ALA A 84 26.38 3.47 13.23
C ALA A 84 26.24 4.43 12.04
N LYS A 85 27.25 4.40 11.15
CA LYS A 85 27.30 5.16 9.89
C LYS A 85 25.99 4.94 9.11
N GLU A 86 25.47 3.71 9.14
CA GLU A 86 24.22 3.32 8.43
C GLU A 86 23.02 3.10 9.35
N GLY A 87 23.00 3.74 10.52
CA GLY A 87 21.84 3.74 11.39
C GLY A 87 21.85 2.77 12.55
N GLY A 88 22.95 2.05 12.70
CA GLY A 88 23.10 1.06 13.76
C GLY A 88 23.59 1.62 15.08
N GLU A 89 23.92 0.71 15.98
CA GLU A 89 24.13 1.09 17.37
C GLU A 89 25.59 1.33 17.76
N GLN A 90 26.54 0.91 16.95
CA GLN A 90 27.96 1.14 17.31
C GLN A 90 28.82 1.02 16.06
N THR A 91 30.09 1.35 16.23
CA THR A 91 31.08 1.34 15.19
C THR A 91 32.22 0.42 15.57
N ILE A 92 32.66 -0.38 14.61
CA ILE A 92 33.85 -1.20 14.74
C ILE A 92 34.73 -0.93 13.54
N THR A 93 35.99 -1.34 13.64
CA THR A 93 36.89 -1.16 12.52
C THR A 93 36.49 -2.06 11.35
N THR A 94 36.92 -1.69 10.15
CA THR A 94 36.62 -2.49 8.99
C THR A 94 37.15 -3.90 9.15
N GLN A 95 38.38 -4.03 9.66
CA GLN A 95 38.93 -5.37 9.83
C GLN A 95 38.15 -6.19 10.86
N HIS A 96 37.71 -5.57 11.95
CA HIS A 96 36.92 -6.31 12.94
CA HIS A 96 36.92 -6.32 12.93
C HIS A 96 35.56 -6.71 12.36
N TYR A 97 34.94 -5.84 11.56
CA TYR A 97 33.68 -6.15 10.86
C TYR A 97 33.86 -7.35 9.91
N LEU A 98 34.96 -7.37 9.16
CA LEU A 98 35.20 -8.49 8.24
C LEU A 98 35.47 -9.77 9.03
N THR A 99 36.26 -9.67 10.09
CA THR A 99 36.50 -10.81 10.95
C THR A 99 35.24 -11.39 11.56
N LEU A 100 34.39 -10.50 12.07
CA LEU A 100 33.11 -10.87 12.67
C LEU A 100 32.24 -11.65 11.70
N ASN A 101 32.08 -11.10 10.50
CA ASN A 101 31.27 -11.76 9.47
C ASN A 101 31.87 -13.06 9.03
N ARG A 102 33.19 -13.12 8.88
CA ARG A 102 33.81 -14.41 8.58
C ARG A 102 33.60 -15.46 9.68
N ALA A 103 33.60 -15.03 10.95
CA ALA A 103 33.34 -15.94 12.05
C ALA A 103 31.92 -16.47 12.03
N ALA A 104 30.97 -15.58 11.71
CA ALA A 104 29.58 -16.01 11.56
C ALA A 104 29.47 -17.06 10.44
N ILE A 105 30.12 -16.78 9.31
CA ILE A 105 30.14 -17.73 8.20
C ILE A 105 30.72 -19.09 8.62
N ASP A 106 31.86 -19.05 9.30
CA ASP A 106 32.55 -20.29 9.72
C ASP A 106 31.79 -21.11 10.77
N SER A 107 30.91 -20.45 11.53
CA SER A 107 30.21 -21.11 12.61
C SER A 107 29.26 -22.21 12.13
N GLY A 108 28.75 -22.06 10.90
CA GLY A 108 27.69 -22.92 10.39
C GLY A 108 26.33 -22.63 10.99
N LEU A 109 26.21 -21.61 11.85
CA LEU A 109 24.97 -21.37 12.59
C LEU A 109 24.05 -20.40 11.87
N VAL A 110 24.57 -19.70 10.87
CA VAL A 110 23.79 -18.69 10.15
C VAL A 110 23.63 -19.03 8.67
N ASP A 111 22.47 -18.69 8.15
CA ASP A 111 22.15 -18.96 6.74
C ASP A 111 22.54 -17.83 5.80
N MET A 112 22.55 -16.62 6.33
CA MET A 112 22.76 -15.41 5.56
CA MET A 112 22.76 -15.41 5.56
C MET A 112 23.53 -14.43 6.40
N ILE A 113 24.33 -13.58 5.77
CA ILE A 113 24.93 -12.41 6.43
C ILE A 113 24.53 -11.17 5.66
N ASP A 114 24.55 -10.03 6.36
CA ASP A 114 24.38 -8.72 5.79
C ASP A 114 25.77 -8.11 5.60
N LEU A 115 26.04 -7.59 4.40
CA LEU A 115 27.27 -6.82 4.18
C LEU A 115 26.91 -5.47 3.63
N GLU A 116 27.42 -4.41 4.24
CA GLU A 116 27.12 -3.06 3.80
C GLU A 116 28.01 -2.73 2.59
N LEU A 117 27.36 -2.37 1.49
CA LEU A 117 28.06 -2.06 0.23
C LEU A 117 29.20 -1.05 0.45
N PHE A 118 28.93 0.02 1.19
CA PHE A 118 29.91 1.08 1.32
C PHE A 118 31.05 0.76 2.29
N THR A 119 31.16 -0.46 2.78
CA THR A 119 32.36 -0.92 3.45
C THR A 119 33.57 -0.84 2.49
N GLY A 120 33.33 -1.03 1.20
CA GLY A 120 34.37 -0.93 0.16
C GLY A 120 34.30 -2.11 -0.78
N ASP A 121 34.41 -1.86 -2.08
CA ASP A 121 34.19 -2.91 -3.09
C ASP A 121 35.01 -4.15 -2.86
N ALA A 122 36.33 -3.99 -2.73
CA ALA A 122 37.22 -5.14 -2.66
C ALA A 122 36.97 -6.01 -1.43
N ASP A 123 36.81 -5.37 -0.28
CA ASP A 123 36.52 -6.10 0.97
C ASP A 123 35.17 -6.79 0.93
N VAL A 124 34.18 -6.11 0.37
CA VAL A 124 32.85 -6.72 0.25
C VAL A 124 32.93 -7.93 -0.69
N LYS A 125 33.50 -7.75 -1.87
CA LYS A 125 33.62 -8.87 -2.81
C LYS A 125 34.32 -10.08 -2.23
N ALA A 126 35.43 -9.84 -1.53
CA ALA A 126 36.16 -10.95 -0.91
C ALA A 126 35.29 -11.69 0.10
N THR A 127 34.51 -10.94 0.85
CA THR A 127 33.67 -11.53 1.88
C THR A 127 32.47 -12.28 1.30
N VAL A 128 31.90 -11.74 0.21
CA VAL A 128 30.86 -12.41 -0.54
C VAL A 128 31.40 -13.76 -1.04
N ASP A 129 32.60 -13.75 -1.61
CA ASP A 129 33.15 -14.97 -2.16
C ASP A 129 33.42 -15.99 -1.04
N TYR A 130 33.88 -15.53 0.11
CA TYR A 130 34.05 -16.39 1.29
C TYR A 130 32.70 -16.98 1.77
N ALA A 131 31.68 -16.14 1.86
CA ALA A 131 30.34 -16.61 2.22
C ALA A 131 29.88 -17.71 1.27
N HIS A 132 30.04 -17.47 -0.02
CA HIS A 132 29.56 -18.39 -1.05
C HIS A 132 30.32 -19.72 -1.03
N ALA A 133 31.60 -19.65 -0.69
CA ALA A 133 32.40 -20.87 -0.54
C ALA A 133 31.98 -21.73 0.64
N HIS A 134 31.25 -21.15 1.61
CA HIS A 134 30.79 -21.84 2.80
C HIS A 134 29.27 -21.87 2.91
N ASN A 135 28.58 -21.79 1.77
CA ASN A 135 27.12 -21.94 1.66
C ASN A 135 26.35 -21.00 2.58
N VAL A 136 26.75 -19.75 2.51
CA VAL A 136 26.04 -18.67 3.19
C VAL A 136 25.68 -17.63 2.12
N TYR A 137 24.43 -17.17 2.14
CA TYR A 137 23.98 -16.13 1.23
C TYR A 137 24.27 -14.74 1.80
N VAL A 138 24.30 -13.75 0.93
CA VAL A 138 24.60 -12.38 1.29
C VAL A 138 23.46 -11.47 0.92
N VAL A 139 22.92 -10.80 1.93
CA VAL A 139 22.09 -9.64 1.78
C VAL A 139 23.07 -8.48 1.76
N MET A 140 23.21 -7.79 0.61
CA MET A 140 24.11 -6.65 0.57
C MET A 140 23.27 -5.41 0.74
N SER A 141 23.74 -4.46 1.54
CA SER A 141 22.84 -3.42 1.99
C SER A 141 23.40 -2.02 1.94
N ASN A 142 22.48 -1.07 1.93
CA ASN A 142 22.80 0.34 2.02
C ASN A 142 21.61 1.04 2.70
N HIS A 143 21.95 2.06 3.49
CA HIS A 143 20.96 2.79 4.27
C HIS A 143 21.27 4.24 4.26
N ASP A 144 20.27 5.08 4.05
CA ASP A 144 20.40 6.53 4.18
C ASP A 144 19.32 7.00 5.14
N PHE A 145 19.73 7.31 6.36
CA PHE A 145 18.80 7.73 7.41
C PHE A 145 18.45 9.21 7.34
N HIS A 146 19.01 9.93 6.38
CA HIS A 146 18.75 11.36 6.27
C HIS A 146 17.86 11.79 5.12
N GLN A 147 17.99 11.12 3.98
CA GLN A 147 17.33 11.55 2.76
C GLN A 147 17.18 10.39 1.80
N THR A 148 16.43 10.66 0.73
CA THR A 148 16.17 9.69 -0.33
C THR A 148 16.97 10.09 -1.58
N PRO A 149 17.91 9.24 -2.01
CA PRO A 149 18.60 9.51 -3.28
C PRO A 149 17.60 9.49 -4.45
N SER A 150 18.04 9.92 -5.62
CA SER A 150 17.20 9.79 -6.82
C SER A 150 16.96 8.31 -7.14
N ALA A 151 15.89 8.02 -7.87
CA ALA A 151 15.65 6.65 -8.30
C ALA A 151 16.82 6.10 -9.12
N GLU A 152 17.41 6.96 -9.97
CA GLU A 152 18.54 6.56 -10.81
C GLU A 152 19.72 6.10 -9.92
N GLU A 153 19.98 6.87 -8.84
CA GLU A 153 21.06 6.57 -7.95
C GLU A 153 20.80 5.24 -7.22
N MET A 154 19.56 5.07 -6.75
CA MET A 154 19.23 3.85 -6.01
C MET A 154 19.34 2.61 -6.91
N VAL A 155 18.87 2.72 -8.15
CA VAL A 155 18.97 1.62 -9.10
C VAL A 155 20.44 1.26 -9.38
N LEU A 156 21.27 2.27 -9.62
CA LEU A 156 22.68 2.00 -9.90
C LEU A 156 23.36 1.38 -8.66
N ARG A 157 22.95 1.80 -7.46
CA ARG A 157 23.49 1.21 -6.24
C ARG A 157 23.10 -0.27 -6.08
N LEU A 158 21.85 -0.60 -6.33
CA LEU A 158 21.39 -1.98 -6.26
C LEU A 158 22.06 -2.84 -7.35
N ARG A 159 22.20 -2.28 -8.55
CA ARG A 159 22.90 -3.01 -9.61
C ARG A 159 24.35 -3.28 -9.25
N LYS A 160 25.02 -2.31 -8.61
CA LYS A 160 26.39 -2.53 -8.18
C LYS A 160 26.48 -3.66 -7.19
N MET A 161 25.49 -3.74 -6.28
CA MET A 161 25.47 -4.85 -5.34
C MET A 161 25.39 -6.20 -6.06
N GLN A 162 24.53 -6.28 -7.06
CA GLN A 162 24.49 -7.49 -7.90
C GLN A 162 25.84 -7.81 -8.53
N ALA A 163 26.50 -6.78 -9.05
CA ALA A 163 27.78 -6.95 -9.72
C ALA A 163 28.85 -7.47 -8.75
N LEU A 164 28.76 -7.09 -7.48
CA LEU A 164 29.69 -7.57 -6.46
C LEU A 164 29.34 -8.96 -5.92
N GLY A 165 28.27 -9.58 -6.43
CA GLY A 165 27.90 -10.93 -6.03
C GLY A 165 26.79 -11.02 -4.99
N ALA A 166 26.11 -9.92 -4.66
CA ALA A 166 24.99 -10.00 -3.71
C ALA A 166 23.95 -11.01 -4.15
N ASP A 167 23.47 -11.83 -3.23
CA ASP A 167 22.31 -12.65 -3.48
C ASP A 167 21.04 -11.83 -3.43
N ILE A 168 20.98 -10.88 -2.47
CA ILE A 168 19.81 -10.04 -2.30
C ILE A 168 20.29 -8.62 -2.00
N PRO A 169 20.29 -7.73 -3.02
CA PRO A 169 20.53 -6.31 -2.76
C PRO A 169 19.39 -5.71 -1.91
N LYS A 170 19.76 -4.79 -1.00
CA LYS A 170 18.81 -4.16 -0.10
CA LYS A 170 18.81 -4.16 -0.11
C LYS A 170 19.13 -2.68 0.10
N ILE A 171 18.11 -1.85 0.06
CA ILE A 171 18.27 -0.42 0.35
C ILE A 171 17.12 0.11 1.16
N ALA A 172 17.48 0.89 2.19
CA ALA A 172 16.53 1.56 3.06
C ALA A 172 16.86 3.04 3.06
N VAL A 173 15.89 3.88 2.82
CA VAL A 173 16.08 5.33 2.69
C VAL A 173 15.02 6.09 3.49
N MET A 174 15.38 7.30 3.89
CA MET A 174 14.51 8.13 4.70
C MET A 174 13.79 9.17 3.83
N PRO A 175 12.45 9.14 3.81
CA PRO A 175 11.75 10.16 3.08
C PRO A 175 11.72 11.47 3.84
N GLN A 176 11.81 12.57 3.11
CA GLN A 176 11.58 13.91 3.67
C GLN A 176 10.24 14.47 3.24
N SER A 177 9.57 13.74 2.35
CA SER A 177 8.31 14.16 1.75
C SER A 177 7.58 12.91 1.29
N LYS A 178 6.31 13.06 1.00
CA LYS A 178 5.54 11.98 0.37
C LYS A 178 6.07 11.64 -1.01
N HIS A 179 6.54 12.65 -1.73
CA HIS A 179 7.15 12.41 -3.03
C HIS A 179 8.33 11.42 -2.94
N ASP A 180 9.12 11.53 -1.88
CA ASP A 180 10.28 10.64 -1.72
C ASP A 180 9.85 9.18 -1.57
N VAL A 181 8.68 8.97 -1.02
CA VAL A 181 8.14 7.62 -0.90
C VAL A 181 7.88 7.06 -2.29
N LEU A 182 7.25 7.86 -3.15
CA LEU A 182 7.04 7.44 -4.54
C LEU A 182 8.35 7.19 -5.26
N THR A 183 9.36 8.01 -4.99
CA THR A 183 10.67 7.77 -5.61
C THR A 183 11.24 6.38 -5.29
N LEU A 184 11.12 5.99 -4.02
CA LEU A 184 11.57 4.67 -3.61
C LEU A 184 10.75 3.56 -4.28
N LEU A 185 9.43 3.72 -4.34
CA LEU A 185 8.59 2.75 -5.05
C LEU A 185 8.97 2.69 -6.54
N THR A 186 9.26 3.83 -7.15
CA THR A 186 9.65 3.88 -8.57
C THR A 186 10.95 3.13 -8.77
N ALA A 187 11.95 3.38 -7.93
CA ALA A 187 13.19 2.63 -8.04
C ALA A 187 12.99 1.12 -7.91
N THR A 188 12.11 0.73 -6.99
CA THR A 188 11.79 -0.68 -6.79
C THR A 188 11.20 -1.30 -8.06
N LEU A 189 10.22 -0.60 -8.62
CA LEU A 189 9.60 -1.09 -9.86
C LEU A 189 10.59 -1.13 -11.02
N GLU A 190 11.51 -0.17 -11.06
CA GLU A 190 12.55 -0.17 -12.12
C GLU A 190 13.38 -1.43 -12.04
N MET A 191 13.72 -1.88 -10.83
CA MET A 191 14.43 -3.16 -10.70
C MET A 191 13.58 -4.32 -11.25
N GLN A 192 12.30 -4.34 -10.92
CA GLN A 192 11.41 -5.39 -11.39
C GLN A 192 11.28 -5.38 -12.93
N GLN A 193 11.21 -4.18 -13.50
CA GLN A 193 10.98 -4.03 -14.93
C GLN A 193 12.22 -4.33 -15.74
N HIS A 194 13.38 -3.87 -15.24
CA HIS A 194 14.61 -3.79 -16.05
C HIS A 194 15.78 -4.60 -15.55
N TYR A 195 15.83 -4.88 -14.25
CA TYR A 195 17.02 -5.48 -13.60
C TYR A 195 16.58 -6.55 -12.59
N ALA A 196 15.81 -7.53 -13.07
CA ALA A 196 15.12 -8.51 -12.22
C ALA A 196 15.92 -9.80 -12.05
N ASP A 197 17.26 -9.69 -12.02
CA ASP A 197 18.09 -10.88 -11.89
C ASP A 197 18.20 -11.41 -10.47
N ARG A 198 18.07 -10.52 -9.47
CA ARG A 198 18.20 -10.87 -8.07
C ARG A 198 16.96 -10.33 -7.34
N PRO A 199 16.51 -11.04 -6.28
CA PRO A 199 15.48 -10.42 -5.44
C PRO A 199 16.09 -9.19 -4.77
N VAL A 200 15.29 -8.13 -4.66
CA VAL A 200 15.75 -6.93 -3.92
C VAL A 200 14.76 -6.64 -2.82
N ILE A 201 15.32 -6.09 -1.73
CA ILE A 201 14.55 -5.61 -0.60
C ILE A 201 14.66 -4.10 -0.59
N THR A 202 13.54 -3.39 -0.55
CA THR A 202 13.56 -1.96 -0.47
C THR A 202 12.59 -1.47 0.61
N MET A 203 12.90 -0.32 1.16
CA MET A 203 11.99 0.33 2.10
C MET A 203 12.28 1.80 2.17
N SER A 204 11.19 2.56 2.26
CA SER A 204 11.20 3.95 2.69
C SER A 204 10.81 3.94 4.17
N MET A 205 11.65 4.56 5.01
CA MET A 205 11.49 4.48 6.45
C MET A 205 10.42 5.45 6.95
N ALA A 206 10.17 5.35 8.27
CA ALA A 206 9.31 6.26 9.02
C ALA A 206 7.84 6.07 8.67
N LYS A 207 6.97 6.80 9.36
CA LYS A 207 5.54 6.67 9.11
C LYS A 207 5.23 6.99 7.66
N GLU A 208 5.83 8.03 7.09
CA GLU A 208 5.50 8.41 5.71
C GLU A 208 5.76 7.26 4.76
N GLY A 209 6.82 6.48 5.01
CA GLY A 209 7.19 5.41 4.12
C GLY A 209 6.53 4.07 4.34
N VAL A 210 5.64 3.95 5.33
CA VAL A 210 5.15 2.63 5.70
CA VAL A 210 5.08 2.65 5.72
C VAL A 210 4.47 1.86 4.55
N ILE A 211 3.82 2.56 3.62
CA ILE A 211 3.23 1.85 2.49
C ILE A 211 4.28 0.99 1.74
N SER A 212 5.54 1.43 1.75
CA SER A 212 6.60 0.66 1.06
C SER A 212 6.91 -0.68 1.72
N ARG A 213 6.58 -0.78 3.01
CA ARG A 213 6.73 -2.01 3.79
C ARG A 213 5.58 -2.98 3.56
N LEU A 214 4.48 -2.49 2.96
CA LEU A 214 3.28 -3.28 2.72
C LEU A 214 3.12 -3.70 1.29
N ALA A 215 3.63 -2.91 0.34
CA ALA A 215 3.33 -3.11 -1.09
C ALA A 215 4.43 -3.80 -1.86
N GLY A 216 5.19 -4.64 -1.19
CA GLY A 216 6.30 -5.31 -1.82
C GLY A 216 5.91 -6.26 -2.93
N GLU A 217 4.75 -6.89 -2.83
CA GLU A 217 4.35 -7.84 -3.84
C GLU A 217 4.07 -7.12 -5.16
N VAL A 218 3.47 -5.95 -5.08
CA VAL A 218 3.09 -5.12 -6.22
CA VAL A 218 3.13 -5.28 -6.35
C VAL A 218 4.32 -4.59 -6.97
N PHE A 219 5.21 -3.94 -6.22
CA PHE A 219 6.34 -3.22 -6.85
C PHE A 219 7.67 -3.93 -6.88
N GLY A 220 7.80 -5.00 -6.11
CA GLY A 220 8.96 -5.88 -6.22
C GLY A 220 9.95 -5.82 -5.09
N SER A 221 9.48 -5.69 -3.84
CA SER A 221 10.36 -5.86 -2.69
C SER A 221 10.13 -7.25 -2.12
N ALA A 222 11.19 -8.04 -2.02
CA ALA A 222 11.12 -9.48 -1.70
C ALA A 222 10.95 -9.77 -0.21
N ALA A 223 11.14 -8.78 0.64
CA ALA A 223 11.04 -8.98 2.08
C ALA A 223 10.72 -7.68 2.76
N THR A 224 10.23 -7.79 4.00
CA THR A 224 9.78 -6.63 4.72
C THR A 224 9.95 -6.93 6.20
N PHE A 225 10.31 -5.90 6.99
CA PHE A 225 10.57 -6.06 8.42
C PHE A 225 9.38 -5.63 9.23
N GLY A 226 9.06 -6.45 10.25
CA GLY A 226 8.05 -6.13 11.23
C GLY A 226 8.62 -6.15 12.63
N ALA A 227 7.84 -5.62 13.56
CA ALA A 227 8.26 -5.52 14.97
C ALA A 227 7.53 -6.57 15.79
N VAL A 228 8.26 -7.37 16.57
CA VAL A 228 7.61 -8.29 17.49
C VAL A 228 7.07 -7.47 18.67
N LYS A 229 7.96 -6.81 19.40
CA LYS A 229 7.57 -5.83 20.44
C LYS A 229 8.15 -4.44 20.24
N GLN A 230 9.38 -4.36 19.75
CA GLN A 230 10.05 -3.10 19.48
C GLN A 230 10.56 -3.10 18.05
N ALA A 231 10.41 -1.97 17.37
CA ALA A 231 10.92 -1.83 16.00
C ALA A 231 12.45 -1.84 15.98
N SER A 232 13.02 -2.46 14.94
CA SER A 232 14.45 -2.37 14.70
C SER A 232 14.85 -1.29 13.70
N ALA A 233 13.87 -0.53 13.20
CA ALA A 233 14.12 0.67 12.38
C ALA A 233 12.82 1.46 12.36
N PRO A 234 12.91 2.77 12.11
CA PRO A 234 11.70 3.58 12.07
C PRO A 234 10.77 3.17 10.94
N GLY A 235 9.49 3.05 11.25
CA GLY A 235 8.45 2.75 10.28
C GLY A 235 7.92 1.33 10.32
N GLN A 236 8.63 0.40 10.95
CA GLN A 236 8.12 -0.96 11.09
C GLN A 236 6.84 -0.95 11.91
N ILE A 237 5.88 -1.78 11.53
CA ILE A 237 4.64 -1.98 12.25
C ILE A 237 4.65 -3.36 12.89
N ALA A 238 3.67 -3.57 13.78
CA ALA A 238 3.54 -4.85 14.47
C ALA A 238 3.47 -6.00 13.48
N VAL A 239 4.23 -7.04 13.74
CA VAL A 239 4.41 -8.12 12.79
C VAL A 239 3.10 -8.81 12.39
N ASN A 240 2.14 -8.96 13.30
CA ASN A 240 0.87 -9.55 12.91
C ASN A 240 0.05 -8.65 12.00
N ASP A 241 0.14 -7.34 12.18
CA ASP A 241 -0.56 -6.40 11.29
C ASP A 241 0.08 -6.39 9.90
N LEU A 242 1.40 -6.44 9.86
CA LEU A 242 2.12 -6.59 8.63
C LEU A 242 1.64 -7.84 7.90
N ARG A 243 1.65 -8.98 8.59
CA ARG A 243 1.23 -10.23 7.96
CA ARG A 243 1.22 -10.23 7.97
C ARG A 243 -0.21 -10.16 7.42
N SER A 244 -1.09 -9.52 8.16
CA SER A 244 -2.48 -9.40 7.73
C SER A 244 -2.60 -8.63 6.42
N VAL A 245 -1.84 -7.53 6.29
CA VAL A 245 -1.90 -6.76 5.06
C VAL A 245 -1.27 -7.51 3.90
N LEU A 246 -0.12 -8.15 4.12
CA LEU A 246 0.49 -8.91 3.06
C LEU A 246 -0.43 -9.99 2.52
N MET A 247 -1.14 -10.69 3.40
CA MET A 247 -2.05 -11.76 2.98
CA MET A 247 -2.04 -11.75 2.98
C MET A 247 -3.21 -11.19 2.18
N ILE A 248 -3.77 -10.09 2.65
CA ILE A 248 -4.85 -9.45 1.88
C ILE A 248 -4.39 -9.06 0.47
N LEU A 249 -3.22 -8.46 0.34
CA LEU A 249 -2.71 -8.09 -0.98
C LEU A 249 -2.42 -9.28 -1.86
N HIS A 250 -1.89 -10.35 -1.29
CA HIS A 250 -1.58 -11.53 -2.08
C HIS A 250 -2.82 -12.18 -2.65
N ASN A 251 -3.88 -12.23 -1.84
CA ASN A 251 -5.08 -12.98 -2.19
C ASN A 251 -6.16 -12.11 -2.85
N ALA A 252 -5.87 -10.83 -3.11
CA ALA A 252 -6.85 -9.90 -3.69
C ALA A 252 -7.15 -10.20 -5.15
N MET B 1 -8.43 23.15 1.98
CA MET B 1 -9.30 21.98 1.72
C MET B 1 -10.70 22.26 2.23
N LYS B 2 -11.67 22.19 1.33
CA LYS B 2 -13.08 22.32 1.64
C LYS B 2 -13.63 20.91 1.80
N THR B 3 -13.64 20.42 3.05
CA THR B 3 -14.18 19.10 3.31
C THR B 3 -15.68 19.07 3.09
N VAL B 4 -16.21 17.86 2.92
CA VAL B 4 -17.63 17.65 2.67
C VAL B 4 -18.17 16.83 3.82
N THR B 5 -19.08 17.42 4.58
CA THR B 5 -19.70 16.74 5.70
C THR B 5 -21.14 16.33 5.38
N VAL B 6 -21.43 15.05 5.57
CA VAL B 6 -22.81 14.54 5.46
C VAL B 6 -23.10 13.88 6.79
N LYS B 7 -24.11 14.40 7.49
CA LYS B 7 -24.38 14.18 8.92
C LYS B 7 -23.12 14.49 9.75
N ASN B 8 -22.48 13.46 10.33
CA ASN B 8 -21.28 13.60 11.13
C ASN B 8 -20.10 12.94 10.40
N LEU B 9 -20.27 12.58 9.12
CA LEU B 9 -19.17 12.02 8.32
C LEU B 9 -18.42 13.14 7.61
N ILE B 10 -17.09 13.23 7.78
CA ILE B 10 -16.27 14.25 7.11
C ILE B 10 -15.41 13.58 6.03
N ILE B 11 -15.68 13.95 4.78
CA ILE B 11 -14.93 13.47 3.64
C ILE B 11 -13.85 14.49 3.30
N GLY B 12 -12.59 14.03 3.25
CA GLY B 12 -11.46 14.88 2.97
C GLY B 12 -10.49 15.10 4.13
N GLU B 13 -10.65 14.32 5.20
CA GLU B 13 -9.70 14.30 6.31
C GLU B 13 -9.69 12.91 6.90
N GLY B 14 -8.63 12.62 7.65
CA GLY B 14 -8.50 11.37 8.36
C GLY B 14 -8.41 10.16 7.46
N MET B 15 -8.95 9.05 7.92
CA MET B 15 -8.90 7.81 7.21
C MET B 15 -9.85 7.91 5.98
N PRO B 16 -9.44 7.39 4.81
CA PRO B 16 -10.36 7.39 3.65
C PRO B 16 -11.69 6.73 3.99
N LYS B 17 -12.78 7.29 3.48
CA LYS B 17 -14.10 6.77 3.74
C LYS B 17 -14.45 5.62 2.81
N ILE B 18 -15.10 4.61 3.37
CA ILE B 18 -15.47 3.39 2.66
C ILE B 18 -16.84 3.54 2.02
N ILE B 19 -16.89 3.35 0.69
CA ILE B 19 -18.13 3.36 -0.06
C ILE B 19 -18.41 1.94 -0.54
N VAL B 20 -19.66 1.52 -0.46
CA VAL B 20 -20.11 0.28 -1.08
C VAL B 20 -21.24 0.58 -2.04
N SER B 21 -21.40 -0.26 -3.05
CA SER B 21 -22.38 -0.02 -4.09
C SER B 21 -23.50 -1.06 -4.07
N LEU B 22 -24.72 -0.56 -4.00
CA LEU B 22 -25.91 -1.39 -4.08
C LEU B 22 -26.26 -1.52 -5.58
N MET B 23 -26.43 -2.76 -6.02
CA MET B 23 -26.71 -3.11 -7.38
C MET B 23 -27.95 -4.04 -7.33
N GLY B 24 -29.06 -3.52 -7.80
CA GLY B 24 -30.25 -4.34 -7.94
C GLY B 24 -30.92 -4.05 -9.27
N ARG B 25 -31.49 -5.06 -9.89
CA ARG B 25 -32.08 -4.93 -11.22
C ARG B 25 -33.53 -4.41 -11.18
N ASP B 26 -34.19 -4.52 -10.03
CA ASP B 26 -35.59 -4.15 -9.90
C ASP B 26 -35.88 -3.77 -8.45
N ILE B 27 -37.10 -3.31 -8.18
CA ILE B 27 -37.48 -2.81 -6.85
C ILE B 27 -37.27 -3.89 -5.77
N ASN B 28 -37.72 -5.11 -6.04
CA ASN B 28 -37.58 -6.19 -5.03
C ASN B 28 -36.11 -6.54 -4.72
N SER B 29 -35.25 -6.56 -5.75
CA SER B 29 -33.82 -6.87 -5.52
C SER B 29 -33.14 -5.73 -4.79
N VAL B 30 -33.51 -4.48 -5.12
CA VAL B 30 -32.96 -3.31 -4.43
C VAL B 30 -33.33 -3.39 -2.93
N LYS B 31 -34.59 -3.74 -2.64
CA LYS B 31 -35.02 -3.88 -1.26
C LYS B 31 -34.19 -4.92 -0.52
N ALA B 32 -34.05 -6.09 -1.13
CA ALA B 32 -33.32 -7.18 -0.50
C ALA B 32 -31.84 -6.80 -0.25
N GLU B 33 -31.22 -6.18 -1.24
CA GLU B 33 -29.86 -5.68 -1.09
C GLU B 33 -29.70 -4.67 0.03
N ALA B 34 -30.64 -3.72 0.10
CA ALA B 34 -30.58 -2.70 1.17
C ALA B 34 -30.65 -3.36 2.54
N LEU B 35 -31.53 -4.34 2.68
CA LEU B 35 -31.68 -5.02 3.95
C LEU B 35 -30.42 -5.85 4.31
N ALA B 36 -29.74 -6.42 3.32
CA ALA B 36 -28.47 -7.09 3.59
C ALA B 36 -27.34 -6.11 3.89
N TYR B 37 -27.28 -5.00 3.18
CA TYR B 37 -26.20 -4.04 3.29
C TYR B 37 -26.17 -3.37 4.66
N ARG B 38 -27.33 -3.20 5.28
CA ARG B 38 -27.34 -2.57 6.59
C ARG B 38 -26.71 -3.42 7.70
N GLU B 39 -26.34 -4.66 7.40
CA GLU B 39 -25.58 -5.52 8.29
C GLU B 39 -24.11 -5.56 7.93
N ALA B 40 -23.65 -4.64 7.08
CA ALA B 40 -22.24 -4.42 6.81
C ALA B 40 -21.79 -3.08 7.34
N THR B 41 -20.48 -2.92 7.48
CA THR B 41 -19.90 -1.72 8.07
C THR B 41 -19.18 -0.93 6.99
N PHE B 42 -19.64 0.30 6.80
CA PHE B 42 -19.06 1.19 5.75
C PHE B 42 -19.55 2.59 6.02
N ASP B 43 -18.98 3.55 5.31
CA ASP B 43 -19.28 4.97 5.56
C ASP B 43 -20.37 5.58 4.67
N ILE B 44 -20.36 5.23 3.38
CA ILE B 44 -21.25 5.83 2.37
C ILE B 44 -21.85 4.72 1.53
N LEU B 45 -23.16 4.80 1.31
CA LEU B 45 -23.85 3.90 0.39
C LEU B 45 -23.98 4.56 -0.95
N GLU B 46 -23.49 3.89 -2.00
CA GLU B 46 -23.76 4.28 -3.39
C GLU B 46 -24.85 3.38 -3.95
N TRP B 47 -25.87 3.99 -4.55
CA TRP B 47 -26.82 3.25 -5.35
C TRP B 47 -26.41 3.35 -6.82
N ARG B 48 -26.03 2.19 -7.39
CA ARG B 48 -25.71 2.11 -8.83
C ARG B 48 -26.97 1.90 -9.64
N VAL B 49 -27.57 3.03 -9.96
CA VAL B 49 -28.85 3.10 -10.63
C VAL B 49 -28.81 2.52 -12.06
N ASP B 50 -27.63 2.50 -12.69
CA ASP B 50 -27.55 1.94 -14.03
C ASP B 50 -27.81 0.45 -14.05
N HIS B 51 -27.74 -0.24 -12.91
CA HIS B 51 -28.15 -1.67 -12.86
C HIS B 51 -29.66 -1.86 -12.92
N PHE B 52 -30.43 -0.79 -12.71
CA PHE B 52 -31.88 -0.90 -12.60
C PHE B 52 -32.51 -1.00 -14.00
N MET B 53 -33.29 -2.04 -14.23
CA MET B 53 -33.82 -2.30 -15.56
C MET B 53 -34.88 -1.31 -16.00
N ASP B 54 -35.77 -0.92 -15.09
CA ASP B 54 -36.90 0.02 -15.39
C ASP B 54 -36.44 1.49 -15.30
N ILE B 55 -35.32 1.78 -15.94
CA ILE B 55 -34.67 3.07 -15.92
C ILE B 55 -35.47 4.15 -16.60
N ALA B 56 -36.32 3.77 -17.56
CA ALA B 56 -37.15 4.73 -18.29
C ALA B 56 -38.19 5.42 -17.41
N SER B 57 -38.59 4.72 -16.32
CA SER B 57 -39.58 5.26 -15.41
C SER B 57 -38.94 5.98 -14.23
N THR B 58 -39.02 7.31 -14.26
CA THR B 58 -38.53 8.15 -13.18
C THR B 58 -39.23 7.77 -11.87
N GLN B 59 -40.53 7.51 -11.90
CA GLN B 59 -41.28 7.11 -10.72
C GLN B 59 -40.84 5.76 -10.14
N SER B 60 -40.49 4.81 -11.01
CA SER B 60 -39.93 3.53 -10.55
C SER B 60 -38.60 3.76 -9.83
N VAL B 61 -37.75 4.62 -10.42
CA VAL B 61 -36.47 4.94 -9.82
C VAL B 61 -36.65 5.57 -8.42
N LEU B 62 -37.58 6.50 -8.31
CA LEU B 62 -37.88 7.15 -7.04
C LEU B 62 -38.46 6.18 -6.00
N THR B 63 -39.27 5.24 -6.44
CA THR B 63 -39.80 4.21 -5.55
C THR B 63 -38.65 3.37 -4.99
N ALA B 64 -37.70 3.02 -5.84
CA ALA B 64 -36.54 2.26 -5.42
C ALA B 64 -35.67 3.06 -4.42
N ALA B 65 -35.48 4.34 -4.71
CA ALA B 65 -34.75 5.20 -3.78
C ALA B 65 -35.41 5.21 -2.39
N ARG B 66 -36.73 5.30 -2.36
CA ARG B 66 -37.48 5.28 -1.12
C ARG B 66 -37.32 3.97 -0.36
N VAL B 67 -37.26 2.83 -1.05
CA VAL B 67 -37.04 1.55 -0.34
C VAL B 67 -35.65 1.51 0.30
N ILE B 68 -34.67 2.09 -0.38
CA ILE B 68 -33.32 2.16 0.18
C ILE B 68 -33.31 3.01 1.45
N ARG B 69 -33.97 4.16 1.38
CA ARG B 69 -34.08 5.05 2.52
C ARG B 69 -34.95 4.48 3.64
N ASP B 70 -35.98 3.72 3.32
CA ASP B 70 -36.75 3.01 4.37
C ASP B 70 -35.81 2.08 5.14
N ALA B 71 -34.90 1.40 4.44
CA ALA B 71 -34.00 0.40 5.06
C ALA B 71 -32.87 1.04 5.85
N MET B 72 -32.34 2.16 5.34
CA MET B 72 -31.19 2.84 5.94
C MET B 72 -31.46 4.34 5.94
N PRO B 73 -32.24 4.82 6.92
CA PRO B 73 -32.70 6.20 6.91
C PRO B 73 -31.61 7.26 7.08
N ASP B 74 -30.51 6.85 7.72
CA ASP B 74 -29.46 7.79 8.12
C ASP B 74 -28.21 7.80 7.26
N ILE B 75 -27.92 6.69 6.58
CA ILE B 75 -26.63 6.50 5.91
C ILE B 75 -26.43 7.61 4.87
N PRO B 76 -25.20 8.13 4.72
CA PRO B 76 -24.91 8.97 3.55
C PRO B 76 -25.18 8.19 2.26
N LEU B 77 -26.02 8.76 1.40
CA LEU B 77 -26.50 8.09 0.18
C LEU B 77 -26.10 8.90 -1.07
N LEU B 78 -25.36 8.22 -1.92
CA LEU B 78 -24.85 8.73 -3.21
C LEU B 78 -25.61 8.04 -4.33
N PHE B 79 -26.29 8.84 -5.17
CA PHE B 79 -27.06 8.35 -6.32
C PHE B 79 -26.18 8.41 -7.56
N THR B 80 -25.89 7.25 -8.17
CA THR B 80 -25.00 7.18 -9.32
C THR B 80 -25.58 6.37 -10.47
N PHE B 81 -25.83 7.06 -11.59
CA PHE B 81 -26.04 6.37 -12.87
C PHE B 81 -24.70 6.38 -13.61
N ARG B 82 -24.06 5.21 -13.71
CA ARG B 82 -22.79 5.08 -14.42
C ARG B 82 -23.13 4.69 -15.86
N SER B 83 -22.78 5.54 -16.82
CA SER B 83 -23.04 5.21 -18.24
C SER B 83 -22.17 4.04 -18.71
N ALA B 84 -22.69 3.32 -19.70
CA ALA B 84 -21.90 2.24 -20.34
C ALA B 84 -20.57 2.75 -20.90
N LYS B 85 -20.60 3.96 -21.49
CA LYS B 85 -19.42 4.69 -22.02
C LYS B 85 -18.30 4.69 -20.95
N GLU B 86 -18.68 4.87 -19.68
CA GLU B 86 -17.75 4.90 -18.53
C GLU B 86 -17.77 3.69 -17.64
N GLY B 87 -18.17 2.53 -18.19
CA GLY B 87 -18.04 1.26 -17.50
C GLY B 87 -19.28 0.72 -16.84
N GLY B 88 -20.40 1.43 -17.01
CA GLY B 88 -21.67 1.02 -16.43
C GLY B 88 -22.46 0.04 -17.26
N GLU B 89 -23.69 -0.20 -16.85
CA GLU B 89 -24.46 -1.33 -17.37
C GLU B 89 -25.38 -1.01 -18.55
N GLN B 90 -25.66 0.27 -18.79
CA GLN B 90 -26.53 0.67 -19.90
C GLN B 90 -26.37 2.14 -20.20
N THR B 91 -27.02 2.58 -21.25
CA THR B 91 -26.94 3.94 -21.75
C THR B 91 -28.32 4.54 -21.80
N ILE B 92 -28.43 5.80 -21.39
CA ILE B 92 -29.65 6.59 -21.54
C ILE B 92 -29.32 7.91 -22.20
N THR B 93 -30.32 8.63 -22.67
CA THR B 93 -30.06 9.93 -23.27
C THR B 93 -29.57 10.93 -22.20
N THR B 94 -28.85 11.95 -22.66
CA THR B 94 -28.38 12.97 -21.76
C THR B 94 -29.53 13.63 -21.05
N GLN B 95 -30.60 13.94 -21.79
CA GLN B 95 -31.75 14.57 -21.13
CA GLN B 95 -31.80 14.55 -21.18
C GLN B 95 -32.37 13.68 -20.06
N HIS B 96 -32.50 12.38 -20.32
CA HIS B 96 -33.06 11.51 -19.29
C HIS B 96 -32.12 11.34 -18.10
N TYR B 97 -30.81 11.28 -18.36
CA TYR B 97 -29.80 11.29 -17.27
C TYR B 97 -29.92 12.53 -16.38
N LEU B 98 -30.10 13.69 -16.99
CA LEU B 98 -30.23 14.91 -16.21
C LEU B 98 -31.55 14.94 -15.46
N THR B 99 -32.61 14.50 -16.12
CA THR B 99 -33.91 14.37 -15.47
C THR B 99 -33.86 13.47 -14.24
N LEU B 100 -33.21 12.30 -14.38
CA LEU B 100 -33.11 11.37 -13.26
C LEU B 100 -32.36 11.97 -12.10
N ASN B 101 -31.22 12.57 -12.36
CA ASN B 101 -30.43 13.22 -11.32
C ASN B 101 -31.20 14.38 -10.68
N ARG B 102 -31.92 15.18 -11.46
CA ARG B 102 -32.71 16.24 -10.86
C ARG B 102 -33.86 15.70 -10.01
N ALA B 103 -34.46 14.58 -10.40
CA ALA B 103 -35.50 13.94 -9.58
C ALA B 103 -34.93 13.43 -8.27
N ALA B 104 -33.74 12.84 -8.32
CA ALA B 104 -33.05 12.40 -7.11
C ALA B 104 -32.81 13.61 -6.18
N ILE B 105 -32.33 14.70 -6.75
CA ILE B 105 -32.09 15.94 -5.99
C ILE B 105 -33.37 16.41 -5.33
N ASP B 106 -34.45 16.48 -6.11
CA ASP B 106 -35.74 16.99 -5.60
C ASP B 106 -36.39 16.10 -4.54
N SER B 107 -36.05 14.82 -4.55
CA SER B 107 -36.71 13.87 -3.67
C SER B 107 -36.40 14.11 -2.21
N GLY B 108 -35.24 14.70 -1.92
CA GLY B 108 -34.73 14.79 -0.57
C GLY B 108 -34.19 13.48 -0.01
N LEU B 109 -34.17 12.41 -0.82
CA LEU B 109 -33.79 11.08 -0.33
C LEU B 109 -32.30 10.82 -0.41
N VAL B 110 -31.58 11.64 -1.19
CA VAL B 110 -30.15 11.42 -1.40
C VAL B 110 -29.32 12.62 -0.93
N ASP B 111 -28.13 12.31 -0.46
CA ASP B 111 -27.20 13.33 0.01
C ASP B 111 -26.27 13.84 -1.05
N MET B 112 -25.99 13.00 -2.03
CA MET B 112 -25.00 13.28 -3.06
CA MET B 112 -24.99 13.27 -3.06
C MET B 112 -25.46 12.65 -4.36
N ILE B 113 -25.07 13.26 -5.48
CA ILE B 113 -25.22 12.62 -6.80
C ILE B 113 -23.85 12.55 -7.45
N ASP B 114 -23.72 11.61 -8.38
CA ASP B 114 -22.56 11.50 -9.26
C ASP B 114 -22.91 12.15 -10.60
N LEU B 115 -22.05 13.02 -11.09
CA LEU B 115 -22.19 13.53 -12.47
C LEU B 115 -20.92 13.27 -13.23
N GLU B 116 -21.06 12.65 -14.42
CA GLU B 116 -19.89 12.36 -15.24
C GLU B 116 -19.46 13.63 -15.96
N LEU B 117 -18.22 14.04 -15.76
CA LEU B 117 -17.65 15.24 -16.37
C LEU B 117 -17.89 15.30 -17.88
N PHE B 118 -17.64 14.20 -18.58
CA PHE B 118 -17.71 14.21 -20.03
C PHE B 118 -19.14 14.18 -20.58
N THR B 119 -20.16 14.29 -19.72
CA THR B 119 -21.51 14.56 -20.20
C THR B 119 -21.57 15.88 -20.97
N GLY B 120 -20.71 16.83 -20.59
CA GLY B 120 -20.61 18.13 -21.28
C GLY B 120 -20.64 19.27 -20.27
N ASP B 121 -19.78 20.26 -20.48
CA ASP B 121 -19.62 21.33 -19.49
C ASP B 121 -20.90 22.01 -19.09
N ALA B 122 -21.67 22.47 -20.07
CA ALA B 122 -22.84 23.30 -19.75
C ALA B 122 -23.90 22.52 -18.98
N ASP B 123 -24.18 21.30 -19.43
CA ASP B 123 -25.14 20.44 -18.74
C ASP B 123 -24.67 20.06 -17.32
N VAL B 124 -23.39 19.77 -17.18
CA VAL B 124 -22.85 19.44 -15.87
C VAL B 124 -22.95 20.65 -14.94
N LYS B 125 -22.49 21.81 -15.39
CA LYS B 125 -22.57 23.01 -14.55
C LYS B 125 -23.98 23.33 -14.11
N ALA B 126 -24.93 23.25 -15.03
CA ALA B 126 -26.33 23.53 -14.68
C ALA B 126 -26.82 22.58 -13.60
N THR B 127 -26.43 21.33 -13.70
CA THR B 127 -26.91 20.31 -12.78
C THR B 127 -26.23 20.43 -11.42
N VAL B 128 -24.95 20.78 -11.41
CA VAL B 128 -24.23 21.08 -10.18
C VAL B 128 -24.92 22.23 -9.45
N ASP B 129 -25.24 23.29 -10.19
CA ASP B 129 -25.85 24.45 -9.57
C ASP B 129 -27.23 24.10 -9.03
N TYR B 130 -27.98 23.26 -9.73
CA TYR B 130 -29.26 22.77 -9.23
C TYR B 130 -29.10 21.93 -7.94
N ALA B 131 -28.13 21.04 -7.94
CA ALA B 131 -27.84 20.23 -6.75
C ALA B 131 -27.54 21.14 -5.56
N HIS B 132 -26.69 22.14 -5.77
CA HIS B 132 -26.27 23.03 -4.72
C HIS B 132 -27.39 23.90 -4.20
N ALA B 133 -28.31 24.28 -5.07
CA ALA B 133 -29.50 25.03 -4.66
C ALA B 133 -30.43 24.21 -3.77
N HIS B 134 -30.32 22.89 -3.79
CA HIS B 134 -31.17 21.98 -3.02
C HIS B 134 -30.37 21.13 -2.02
N ASN B 135 -29.20 21.64 -1.61
CA ASN B 135 -28.35 21.01 -0.58
C ASN B 135 -28.02 19.55 -0.84
N VAL B 136 -27.58 19.32 -2.06
CA VAL B 136 -27.06 18.03 -2.48
C VAL B 136 -25.65 18.28 -3.00
N TYR B 137 -24.72 17.43 -2.55
CA TYR B 137 -23.34 17.53 -3.03
C TYR B 137 -23.14 16.72 -4.31
N VAL B 138 -22.08 17.04 -5.05
CA VAL B 138 -21.77 16.40 -6.32
C VAL B 138 -20.40 15.78 -6.25
N VAL B 139 -20.39 14.47 -6.48
CA VAL B 139 -19.20 13.72 -6.85
C VAL B 139 -19.13 13.83 -8.36
N MET B 140 -18.14 14.54 -8.91
CA MET B 140 -18.02 14.62 -10.36
C MET B 140 -17.00 13.60 -10.77
N SER B 141 -17.25 12.87 -11.86
CA SER B 141 -16.50 11.68 -12.11
C SER B 141 -16.02 11.51 -13.54
N ASN B 142 -15.00 10.69 -13.67
CA ASN B 142 -14.49 10.26 -14.98
C ASN B 142 -13.89 8.89 -14.81
N HIS B 143 -14.02 8.06 -15.87
CA HIS B 143 -13.58 6.69 -15.84
C HIS B 143 -12.99 6.34 -17.17
N ASP B 144 -11.84 5.69 -17.16
CA ASP B 144 -11.21 5.14 -18.38
C ASP B 144 -10.95 3.67 -18.10
N PHE B 145 -11.79 2.82 -18.70
CA PHE B 145 -11.70 1.37 -18.51
C PHE B 145 -10.67 0.71 -19.41
N HIS B 146 -10.00 1.49 -20.25
CA HIS B 146 -9.04 0.93 -21.18
C HIS B 146 -7.59 1.23 -20.87
N GLN B 147 -7.30 2.41 -20.34
CA GLN B 147 -5.93 2.86 -20.19
C GLN B 147 -5.84 3.94 -19.13
N THR B 148 -4.61 4.28 -18.81
CA THR B 148 -4.29 5.33 -17.80
C THR B 148 -3.74 6.56 -18.53
N PRO B 149 -4.45 7.69 -18.46
CA PRO B 149 -3.90 8.93 -19.00
C PRO B 149 -2.61 9.34 -18.28
N SER B 150 -1.89 10.31 -18.83
CA SER B 150 -0.75 10.86 -18.11
C SER B 150 -1.18 11.50 -16.78
N ALA B 151 -0.24 11.61 -15.84
CA ALA B 151 -0.56 12.31 -14.60
C ALA B 151 -1.00 13.75 -14.87
N GLU B 152 -0.33 14.42 -15.82
CA GLU B 152 -0.69 15.80 -16.20
C GLU B 152 -2.16 15.89 -16.65
N GLU B 153 -2.57 14.93 -17.48
CA GLU B 153 -3.92 14.88 -17.99
C GLU B 153 -4.93 14.65 -16.86
N MET B 154 -4.61 13.71 -15.97
CA MET B 154 -5.53 13.41 -14.86
C MET B 154 -5.68 14.59 -13.92
N VAL B 155 -4.57 15.27 -13.62
CA VAL B 155 -4.63 16.46 -12.78
C VAL B 155 -5.47 17.57 -13.42
N LEU B 156 -5.27 17.83 -14.72
CA LEU B 156 -6.06 18.87 -15.38
C LEU B 156 -7.53 18.48 -15.42
N ARG B 157 -7.83 17.19 -15.58
CA ARG B 157 -9.22 16.73 -15.54
C ARG B 157 -9.89 16.94 -14.17
N LEU B 158 -9.18 16.60 -13.10
CA LEU B 158 -9.70 16.83 -11.75
C LEU B 158 -9.86 18.31 -11.47
N ARG B 159 -8.87 19.12 -11.90
CA ARG B 159 -8.98 20.56 -11.72
C ARG B 159 -10.19 21.15 -12.47
N LYS B 160 -10.48 20.63 -13.67
CA LYS B 160 -11.64 21.10 -14.42
CA LYS B 160 -11.64 21.08 -14.42
C LYS B 160 -12.92 20.77 -13.65
N MET B 161 -12.96 19.60 -13.03
CA MET B 161 -14.13 19.24 -12.23
C MET B 161 -14.34 20.26 -11.10
N GLN B 162 -13.25 20.63 -10.41
CA GLN B 162 -13.34 21.68 -9.41
C GLN B 162 -13.89 22.99 -9.98
N ALA B 163 -13.39 23.37 -11.16
CA ALA B 163 -13.81 24.61 -11.80
C ALA B 163 -15.29 24.59 -12.14
N LEU B 164 -15.84 23.43 -12.49
CA LEU B 164 -17.28 23.28 -12.77
C LEU B 164 -18.14 23.18 -11.52
N GLY B 165 -17.53 23.23 -10.33
CA GLY B 165 -18.29 23.24 -9.08
C GLY B 165 -18.36 21.91 -8.35
N ALA B 166 -17.60 20.90 -8.78
CA ALA B 166 -17.60 19.62 -8.07
C ALA B 166 -17.25 19.78 -6.61
N ASP B 167 -17.99 19.11 -5.75
CA ASP B 167 -17.58 19.03 -4.35
C ASP B 167 -16.48 18.01 -4.16
N ILE B 168 -16.54 16.91 -4.91
CA ILE B 168 -15.54 15.86 -4.83
C ILE B 168 -15.24 15.36 -6.26
N PRO B 169 -14.14 15.82 -6.85
CA PRO B 169 -13.67 15.23 -8.12
C PRO B 169 -13.24 13.77 -7.93
N LYS B 170 -13.55 12.93 -8.92
CA LYS B 170 -13.23 11.51 -8.85
CA LYS B 170 -13.22 11.52 -8.84
C LYS B 170 -12.77 10.98 -10.20
N ILE B 171 -11.72 10.17 -10.19
CA ILE B 171 -11.24 9.52 -11.42
C ILE B 171 -10.83 8.11 -11.14
N ALA B 172 -11.26 7.19 -12.04
CA ALA B 172 -10.91 5.81 -12.01
C ALA B 172 -10.32 5.44 -13.36
N VAL B 173 -9.15 4.81 -13.35
CA VAL B 173 -8.43 4.50 -14.60
C VAL B 173 -7.94 3.08 -14.55
N MET B 174 -7.74 2.51 -15.76
CA MET B 174 -7.33 1.12 -15.89
C MET B 174 -5.83 1.04 -16.18
N PRO B 175 -5.06 0.38 -15.29
CA PRO B 175 -3.65 0.22 -15.59
C PRO B 175 -3.43 -0.85 -16.65
N GLN B 176 -2.45 -0.63 -17.51
CA GLN B 176 -1.98 -1.66 -18.43
C GLN B 176 -0.64 -2.26 -17.98
N SER B 177 -0.08 -1.65 -16.96
CA SER B 177 1.22 -2.01 -16.41
C SER B 177 1.27 -1.56 -14.95
N LYS B 178 2.25 -2.07 -14.22
CA LYS B 178 2.53 -1.60 -12.88
C LYS B 178 2.91 -0.13 -12.87
N HIS B 179 3.62 0.32 -13.89
CA HIS B 179 3.97 1.73 -13.99
C HIS B 179 2.73 2.63 -13.98
N ASP B 180 1.66 2.18 -14.64
CA ASP B 180 0.44 2.99 -14.70
C ASP B 180 -0.18 3.18 -13.32
N VAL B 181 0.04 2.21 -12.46
CA VAL B 181 -0.45 2.33 -11.06
C VAL B 181 0.30 3.47 -10.38
N LEU B 182 1.62 3.52 -10.55
CA LEU B 182 2.39 4.62 -9.99
C LEU B 182 1.98 5.96 -10.59
N THR B 183 1.64 5.99 -11.87
CA THR B 183 1.17 7.25 -12.48
C THR B 183 -0.08 7.79 -11.78
N LEU B 184 -1.03 6.91 -11.50
CA LEU B 184 -2.24 7.29 -10.80
C LEU B 184 -1.93 7.77 -9.37
N LEU B 185 -1.05 7.08 -8.67
CA LEU B 185 -0.65 7.54 -7.33
C LEU B 185 0.05 8.92 -7.41
N THR B 186 0.88 9.11 -8.44
CA THR B 186 1.56 10.40 -8.63
C THR B 186 0.57 11.52 -8.87
N ALA B 187 -0.41 11.29 -9.73
CA ALA B 187 -1.43 12.31 -9.97
C ALA B 187 -2.19 12.65 -8.68
N THR B 188 -2.48 11.61 -7.89
CA THR B 188 -3.19 11.79 -6.61
C THR B 188 -2.36 12.70 -5.69
N LEU B 189 -1.07 12.38 -5.57
CA LEU B 189 -0.21 13.19 -4.71
C LEU B 189 -0.07 14.62 -5.24
N GLU B 190 -0.05 14.79 -6.56
CA GLU B 190 0.01 16.13 -7.14
C GLU B 190 -1.18 16.99 -6.71
N MET B 191 -2.35 16.39 -6.65
CA MET B 191 -3.52 17.11 -6.12
C MET B 191 -3.30 17.52 -4.65
N GLN B 192 -2.79 16.60 -3.85
CA GLN B 192 -2.52 16.90 -2.43
C GLN B 192 -1.48 18.00 -2.27
N GLN B 193 -0.46 17.97 -3.11
CA GLN B 193 0.66 18.91 -2.99
C GLN B 193 0.30 20.30 -3.50
N HIS B 194 -0.44 20.35 -4.61
CA HIS B 194 -0.58 21.57 -5.40
C HIS B 194 -2.00 22.09 -5.56
N TYR B 195 -2.99 21.21 -5.45
CA TYR B 195 -4.38 21.54 -5.79
C TYR B 195 -5.34 20.92 -4.76
N ALA B 196 -5.10 21.25 -3.48
CA ALA B 196 -5.79 20.59 -2.34
C ALA B 196 -7.01 21.36 -1.89
N ASP B 197 -7.75 21.95 -2.82
CA ASP B 197 -8.94 22.71 -2.48
C ASP B 197 -10.18 21.86 -2.23
N ARG B 198 -10.27 20.70 -2.90
CA ARG B 198 -11.41 19.80 -2.81
C ARG B 198 -10.90 18.39 -2.48
N PRO B 199 -11.66 17.60 -1.72
CA PRO B 199 -11.31 16.19 -1.59
C PRO B 199 -11.41 15.53 -2.96
N VAL B 200 -10.46 14.67 -3.28
CA VAL B 200 -10.52 13.90 -4.53
C VAL B 200 -10.51 12.44 -4.21
N ILE B 201 -11.22 11.67 -5.06
CA ILE B 201 -11.25 10.23 -4.99
C ILE B 201 -10.52 9.71 -6.22
N THR B 202 -9.53 8.85 -6.05
CA THR B 202 -8.83 8.28 -7.18
C THR B 202 -8.68 6.78 -7.02
N MET B 203 -8.60 6.08 -8.15
CA MET B 203 -8.31 4.65 -8.10
CA MET B 203 -8.30 4.67 -8.11
C MET B 203 -7.76 4.20 -9.43
N SER B 204 -6.81 3.29 -9.34
CA SER B 204 -6.34 2.47 -10.46
C SER B 204 -7.07 1.13 -10.29
N MET B 205 -7.76 0.69 -11.34
CA MET B 205 -8.61 -0.49 -11.26
C MET B 205 -7.80 -1.79 -11.38
N ALA B 206 -8.54 -2.88 -11.22
CA ALA B 206 -8.06 -4.25 -11.39
C ALA B 206 -7.10 -4.69 -10.29
N LYS B 207 -6.66 -5.93 -10.36
CA LYS B 207 -5.77 -6.44 -9.32
C LYS B 207 -4.49 -5.62 -9.28
N GLU B 208 -3.93 -5.26 -10.44
CA GLU B 208 -2.69 -4.48 -10.45
C GLU B 208 -2.83 -3.17 -9.68
N GLY B 209 -3.99 -2.55 -9.76
CA GLY B 209 -4.20 -1.26 -9.11
C GLY B 209 -4.67 -1.28 -7.67
N VAL B 210 -4.83 -2.46 -7.07
CA VAL B 210 -5.49 -2.54 -5.77
CA VAL B 210 -5.46 -2.60 -5.72
C VAL B 210 -4.78 -1.72 -4.68
N ILE B 211 -3.44 -1.59 -4.74
CA ILE B 211 -2.77 -0.75 -3.75
C ILE B 211 -3.33 0.67 -3.72
N SER B 212 -3.83 1.17 -4.86
CA SER B 212 -4.40 2.51 -4.90
C SER B 212 -5.70 2.66 -4.09
N ARG B 213 -6.38 1.54 -3.88
CA ARG B 213 -7.61 1.46 -3.08
C ARG B 213 -7.28 1.41 -1.58
N LEU B 214 -6.04 1.10 -1.23
CA LEU B 214 -5.60 0.93 0.15
C LEU B 214 -4.81 2.11 0.68
N ALA B 215 -4.10 2.84 -0.18
CA ALA B 215 -3.15 3.87 0.23
C ALA B 215 -3.67 5.29 0.11
N GLY B 216 -4.97 5.46 0.23
CA GLY B 216 -5.56 6.77 0.10
C GLY B 216 -5.13 7.78 1.14
N GLU B 217 -4.84 7.32 2.35
CA GLU B 217 -4.47 8.25 3.40
C GLU B 217 -3.11 8.88 3.11
N VAL B 218 -2.19 8.10 2.59
CA VAL B 218 -0.86 8.65 2.37
C VAL B 218 -0.79 9.51 1.12
N PHE B 219 -1.43 9.15 0.02
CA PHE B 219 -1.28 9.96 -1.21
C PHE B 219 -2.42 10.90 -1.51
N GLY B 220 -3.55 10.76 -0.83
CA GLY B 220 -4.59 11.78 -0.88
C GLY B 220 -5.86 11.39 -1.61
N SER B 221 -6.30 10.15 -1.49
CA SER B 221 -7.63 9.76 -1.99
C SER B 221 -8.58 9.72 -0.80
N ALA B 222 -9.67 10.46 -0.90
CA ALA B 222 -10.57 10.72 0.24
C ALA B 222 -11.54 9.58 0.53
N ALA B 223 -11.70 8.67 -0.44
CA ALA B 223 -12.65 7.56 -0.27
C ALA B 223 -12.21 6.40 -1.12
N THR B 224 -12.75 5.23 -0.83
CA THR B 224 -12.36 4.02 -1.50
C THR B 224 -13.53 3.07 -1.45
N PHE B 225 -13.71 2.28 -2.51
CA PHE B 225 -14.82 1.35 -2.68
C PHE B 225 -14.42 -0.05 -2.27
N GLY B 226 -15.30 -0.68 -1.49
CA GLY B 226 -15.18 -2.09 -1.14
C GLY B 226 -16.40 -2.87 -1.62
N ALA B 227 -16.28 -4.18 -1.61
CA ALA B 227 -17.35 -5.07 -2.06
C ALA B 227 -18.01 -5.72 -0.85
N VAL B 228 -19.34 -5.66 -0.76
CA VAL B 228 -20.03 -6.38 0.30
C VAL B 228 -20.04 -7.86 -0.04
N LYS B 229 -20.64 -8.23 -1.18
CA LYS B 229 -20.50 -9.58 -1.76
C LYS B 229 -19.97 -9.62 -3.18
N GLN B 230 -20.37 -8.64 -4.00
CA GLN B 230 -19.93 -8.54 -5.38
C GLN B 230 -19.32 -7.17 -5.62
N ALA B 231 -18.22 -7.13 -6.35
CA ALA B 231 -17.57 -5.87 -6.68
C ALA B 231 -18.44 -5.07 -7.66
N SER B 232 -18.45 -3.75 -7.50
CA SER B 232 -19.09 -2.86 -8.45
C SER B 232 -18.12 -2.31 -9.50
N ALA B 233 -16.83 -2.65 -9.40
CA ALA B 233 -15.84 -2.35 -10.43
C ALA B 233 -14.65 -3.25 -10.18
N PRO B 234 -13.84 -3.51 -11.23
CA PRO B 234 -12.73 -4.42 -11.05
C PRO B 234 -11.70 -3.86 -10.06
N GLY B 235 -11.24 -4.73 -9.16
CA GLY B 235 -10.18 -4.40 -8.21
C GLY B 235 -10.64 -4.20 -6.79
N GLN B 236 -11.94 -3.96 -6.57
CA GLN B 236 -12.43 -3.83 -5.23
C GLN B 236 -12.24 -5.13 -4.45
N ILE B 237 -11.89 -5.00 -3.17
CA ILE B 237 -11.72 -6.15 -2.29
C ILE B 237 -12.85 -6.16 -1.28
N ALA B 238 -12.94 -7.27 -0.56
CA ALA B 238 -14.00 -7.42 0.46
C ALA B 238 -13.92 -6.28 1.46
N VAL B 239 -15.08 -5.70 1.74
CA VAL B 239 -15.15 -4.49 2.53
C VAL B 239 -14.50 -4.61 3.93
N ASN B 240 -14.61 -5.77 4.57
CA ASN B 240 -13.96 -5.91 5.88
C ASN B 240 -12.43 -5.94 5.77
N ASP B 241 -11.90 -6.51 4.69
CA ASP B 241 -10.45 -6.52 4.48
C ASP B 241 -9.93 -5.12 4.15
N LEU B 242 -10.69 -4.38 3.34
CA LEU B 242 -10.41 -3.00 3.08
C LEU B 242 -10.32 -2.23 4.40
N ARG B 243 -11.36 -2.36 5.22
CA ARG B 243 -11.37 -1.65 6.50
C ARG B 243 -10.16 -1.99 7.39
N SER B 244 -9.79 -3.26 7.41
CA SER B 244 -8.66 -3.70 8.22
CA SER B 244 -8.66 -3.71 8.23
C SER B 244 -7.36 -3.01 7.78
N VAL B 245 -7.14 -2.94 6.47
CA VAL B 245 -5.93 -2.30 5.96
C VAL B 245 -5.95 -0.79 6.23
N LEU B 246 -7.07 -0.15 5.98
CA LEU B 246 -7.17 1.28 6.25
C LEU B 246 -6.84 1.62 7.69
N MET B 247 -7.36 0.82 8.64
CA MET B 247 -7.12 1.05 10.06
CA MET B 247 -7.12 1.07 10.05
C MET B 247 -5.64 0.86 10.39
N ILE B 248 -5.04 -0.18 9.87
CA ILE B 248 -3.62 -0.40 10.10
C ILE B 248 -2.78 0.79 9.60
N LEU B 249 -3.07 1.26 8.38
CA LEU B 249 -2.33 2.41 7.86
C LEU B 249 -2.55 3.70 8.65
N HIS B 250 -3.77 3.92 9.09
CA HIS B 250 -4.06 5.13 9.86
C HIS B 250 -3.32 5.15 11.20
N ASN B 251 -3.26 3.99 11.84
CA ASN B 251 -2.71 3.91 13.20
C ASN B 251 -1.22 3.54 13.25
N ALA B 252 -0.57 3.43 12.09
CA ALA B 252 0.84 3.01 12.01
C ALA B 252 1.79 4.09 12.53
#